data_6A76
#
_entry.id   6A76
#
_cell.length_a   42.431
_cell.length_b   83.947
_cell.length_c   129.498
_cell.angle_alpha   90.00
_cell.angle_beta   90.00
_cell.angle_gamma   90.00
#
_symmetry.space_group_name_H-M   'P 21 21 21'
#
loop_
_entity.id
_entity.type
_entity.pdbx_description
1 polymer 'Light chain of the anti-human Robo1 antibody B5209B Fab'
2 polymer 'Heavy chain of the anti-human Robo1 antibody B5209B Fab'
3 non-polymer GLYCEROL
4 non-polymer 'SULFATE ION'
5 water water
#
loop_
_entity_poly.entity_id
_entity_poly.type
_entity_poly.pdbx_seq_one_letter_code
_entity_poly.pdbx_strand_id
1 'polypeptide(L)'
;DIQMTQSPASLSASVGETVTITCGASENIYGALTWYQRKQGKSPQLLIYGAINLADDKSSRFSGSGSGRQYSLKISSLHP
DDVATYYCQNVLSTPFTFGSGTKLEIKRADAAPTVSIFPPSSEQLTSGGASVVCFLNNFYPKDINVKWKIDGSERQNGVL
NSWTDQDSKDSTYSMSSTLTLTKDEYERHNSYTCEATHKTSTSPIVKSFNR
;
L
2 'polypeptide(L)'
;EVQLVESGGGVVQPGGSLKLSCAASGFTFSTYDMSWVRQTPDKRLELVATINSNGGSTYYPDSVKGRFTSSRDNAKNILY
LQMSSLKSEDTAMYYCAREALLRPPYYALDYWGQGTSVTVSSAKTTPPSVYPLAPGCGDTTGSSVTLGCLVKGYFPESVT
VTWNSGSLSSSVHTFPALLQSGLYTMSSSVTVPSSTWPSQTVTCSVAHPASSTTVDKKLEP
;
H
#
loop_
_chem_comp.id
_chem_comp.type
_chem_comp.name
_chem_comp.formula
GOL non-polymer GLYCEROL 'C3 H8 O3'
SO4 non-polymer 'SULFATE ION' 'O4 S -2'
#
# COMPACT_ATOMS: atom_id res chain seq x y z
N ASP A 1 20.31 18.01 -7.85
CA ASP A 1 19.87 16.62 -7.80
C ASP A 1 19.03 16.43 -9.04
N ILE A 2 18.79 15.20 -9.43
CA ILE A 2 17.99 14.88 -10.57
C ILE A 2 16.66 14.41 -10.06
N GLN A 3 15.54 15.02 -10.54
CA GLN A 3 14.22 14.64 -10.24
C GLN A 3 13.63 13.82 -11.38
N MET A 4 12.74 12.93 -11.01
CA MET A 4 12.16 11.97 -11.96
C MET A 4 10.67 12.08 -11.82
N THR A 5 9.93 11.85 -12.91
CA THR A 5 8.48 11.76 -12.85
C THR A 5 8.04 10.63 -13.81
N GLN A 6 6.95 9.99 -13.45
CA GLN A 6 6.42 8.85 -14.28
C GLN A 6 5.04 9.23 -14.74
N SER A 7 4.67 8.78 -15.98
CA SER A 7 3.35 9.07 -16.56
C SER A 7 2.87 7.80 -17.26
N PRO A 8 1.59 7.54 -17.18
CA PRO A 8 0.66 8.21 -16.26
C PRO A 8 0.84 7.68 -14.81
N ALA A 9 0.17 8.11 -13.80
CA ALA A 9 0.23 7.53 -12.47
C ALA A 9 -0.37 6.12 -12.40
N SER A 10 -1.45 5.94 -13.21
CA SER A 10 -2.09 4.62 -13.34
C SER A 10 -2.68 4.42 -14.73
N LEU A 11 -2.61 3.19 -15.25
CA LEU A 11 -3.03 2.92 -16.58
C LEU A 11 -3.83 1.62 -16.47
N SER A 12 -4.98 1.50 -17.16
CA SER A 12 -5.72 0.26 -17.31
C SER A 12 -5.48 -0.25 -18.76
N ALA A 13 -5.30 -1.54 -18.89
CA ALA A 13 -5.09 -2.21 -20.21
C ALA A 13 -5.76 -3.59 -20.21
N SER A 14 -6.05 -4.09 -21.42
CA SER A 14 -6.57 -5.35 -21.61
C SER A 14 -5.46 -6.42 -21.65
N VAL A 15 -5.76 -7.65 -21.28
CA VAL A 15 -4.83 -8.74 -21.53
C VAL A 15 -4.54 -8.87 -22.98
N GLY A 16 -3.29 -9.06 -23.39
CA GLY A 16 -2.93 -9.09 -24.79
C GLY A 16 -2.57 -7.76 -25.42
N GLU A 17 -2.85 -6.64 -24.74
CA GLU A 17 -2.58 -5.34 -25.26
C GLU A 17 -1.10 -4.94 -25.09
N THR A 18 -0.59 -4.15 -26.08
CA THR A 18 0.74 -3.55 -25.96
C THR A 18 0.60 -2.34 -25.10
N VAL A 19 1.40 -2.24 -24.09
CA VAL A 19 1.37 -1.17 -23.13
C VAL A 19 2.70 -0.45 -23.14
N THR A 20 2.68 0.86 -22.99
CA THR A 20 3.83 1.70 -22.80
C THR A 20 3.68 2.65 -21.68
N ILE A 21 4.67 2.72 -20.76
CA ILE A 21 4.61 3.75 -19.75
C ILE A 21 5.93 4.52 -19.84
N THR A 22 5.98 5.71 -19.29
CA THR A 22 7.09 6.59 -19.43
C THR A 22 7.67 7.13 -18.20
N CYS A 23 8.91 7.50 -18.25
CA CYS A 23 9.67 8.09 -17.12
C CYS A 23 10.41 9.26 -17.80
N GLY A 24 10.45 10.39 -17.04
CA GLY A 24 11.15 11.58 -17.47
C GLY A 24 12.10 12.09 -16.38
N ALA A 25 13.31 12.43 -16.78
CA ALA A 25 14.28 12.98 -15.85
C ALA A 25 14.42 14.51 -16.06
N SER A 26 14.87 15.17 -15.02
CA SER A 26 15.10 16.61 -15.06
C SER A 26 16.36 17.06 -15.84
N GLU A 27 17.22 16.12 -16.20
CA GLU A 27 18.34 16.38 -17.04
C GLU A 27 18.65 15.12 -17.84
N ASN A 28 19.50 15.25 -18.85
CA ASN A 28 19.94 14.09 -19.57
C ASN A 28 20.62 13.08 -18.64
N ILE A 29 20.20 11.82 -18.64
CA ILE A 29 20.80 10.81 -17.82
C ILE A 29 21.56 9.69 -18.59
N TYR A 30 21.64 9.85 -19.94
CA TYR A 30 22.60 9.06 -20.68
C TYR A 30 22.33 7.55 -20.52
N GLY A 31 21.09 7.15 -20.51
CA GLY A 31 20.81 5.71 -20.32
C GLY A 31 21.02 5.09 -19.00
N ALA A 32 21.38 5.94 -18.00
CA ALA A 32 21.62 5.42 -16.66
C ALA A 32 20.31 5.38 -15.86
N LEU A 33 19.48 4.44 -16.25
CA LEU A 33 18.09 4.38 -15.88
C LEU A 33 17.64 2.91 -15.68
N THR A 34 17.14 2.58 -14.50
CA THR A 34 16.73 1.24 -14.12
C THR A 34 15.24 1.22 -14.01
N TRP A 35 14.58 0.14 -14.35
CA TRP A 35 13.19 -0.12 -14.10
C TRP A 35 13.01 -1.30 -13.07
N TYR A 36 12.09 -1.16 -12.15
CA TYR A 36 11.70 -2.21 -11.15
C TYR A 36 10.26 -2.50 -11.31
N GLN A 37 9.85 -3.70 -10.91
CA GLN A 37 8.46 -4.11 -10.91
C GLN A 37 8.08 -4.51 -9.48
N ARG A 38 7.03 -4.00 -8.89
CA ARG A 38 6.65 -4.37 -7.53
C ARG A 38 5.19 -4.77 -7.56
N LYS A 39 5.00 -6.11 -7.36
CA LYS A 39 3.68 -6.69 -7.29
C LYS A 39 3.12 -6.50 -5.87
N GLN A 40 1.78 -6.43 -5.75
CA GLN A 40 1.12 -6.18 -4.53
C GLN A 40 1.59 -7.14 -3.43
N GLY A 41 2.05 -6.52 -2.34
CA GLY A 41 2.47 -7.33 -1.21
C GLY A 41 3.85 -7.98 -1.31
N LYS A 42 4.60 -7.65 -2.37
CA LYS A 42 5.91 -8.33 -2.65
C LYS A 42 7.01 -7.28 -2.75
N SER A 43 8.23 -7.74 -2.69
N SER A 43 8.25 -7.72 -2.66
CA SER A 43 9.39 -6.85 -2.87
CA SER A 43 9.35 -6.77 -2.87
C SER A 43 9.54 -6.45 -4.35
C SER A 43 9.53 -6.43 -4.35
N PRO A 44 10.10 -5.27 -4.63
CA PRO A 44 10.50 -4.97 -5.98
C PRO A 44 11.40 -5.98 -6.58
N GLN A 45 11.35 -6.10 -7.93
CA GLN A 45 12.27 -6.95 -8.68
C GLN A 45 12.85 -6.12 -9.86
N LEU A 46 14.12 -6.37 -10.15
CA LEU A 46 14.77 -5.75 -11.29
C LEU A 46 14.14 -6.23 -12.61
N LEU A 47 13.85 -5.26 -13.50
CA LEU A 47 13.26 -5.54 -14.80
C LEU A 47 14.20 -5.18 -15.93
N ILE A 48 14.75 -3.97 -15.95
CA ILE A 48 15.57 -3.40 -17.02
C ILE A 48 16.73 -2.67 -16.35
N TYR A 49 17.91 -2.70 -16.83
CA TYR A 49 19.00 -1.83 -16.38
C TYR A 49 19.65 -1.18 -17.57
N GLY A 50 20.35 -0.05 -17.35
CA GLY A 50 20.90 0.70 -18.45
C GLY A 50 19.92 0.99 -19.59
N ALA A 51 18.69 1.36 -19.20
CA ALA A 51 17.58 1.74 -20.07
C ALA A 51 17.06 0.69 -21.01
N ILE A 52 17.90 -0.24 -21.53
CA ILE A 52 17.46 -1.09 -22.58
C ILE A 52 17.81 -2.55 -22.30
N ASN A 53 18.46 -2.93 -21.20
CA ASN A 53 18.94 -4.29 -20.98
C ASN A 53 18.00 -5.07 -20.07
N LEU A 54 17.43 -6.13 -20.57
CA LEU A 54 16.49 -6.98 -19.83
C LEU A 54 17.20 -7.79 -18.82
N ALA A 55 16.77 -7.78 -17.55
CA ALA A 55 17.38 -8.51 -16.49
C ALA A 55 17.24 -10.02 -16.74
N ASP A 56 18.20 -10.76 -16.30
CA ASP A 56 18.19 -12.25 -16.41
C ASP A 56 16.87 -12.85 -15.87
N ASP A 57 16.39 -13.79 -16.62
CA ASP A 57 15.12 -14.42 -16.36
C ASP A 57 13.82 -13.68 -16.31
N LYS A 58 13.82 -12.43 -16.68
CA LYS A 58 12.51 -11.73 -16.96
C LYS A 58 12.06 -11.95 -18.37
N SER A 59 10.76 -11.88 -18.56
CA SER A 59 10.19 -12.18 -19.85
C SER A 59 10.63 -11.11 -20.89
N SER A 60 10.84 -11.60 -22.08
CA SER A 60 11.09 -10.75 -23.21
C SER A 60 9.91 -9.98 -23.74
N ARG A 61 8.72 -10.14 -23.12
CA ARG A 61 7.63 -9.24 -23.42
C ARG A 61 7.96 -7.86 -22.90
N PHE A 62 8.92 -7.70 -21.99
CA PHE A 62 9.30 -6.38 -21.50
C PHE A 62 10.45 -5.86 -22.34
N SER A 63 10.46 -4.57 -22.62
CA SER A 63 11.59 -3.93 -23.33
C SER A 63 11.69 -2.50 -22.84
N GLY A 64 12.85 -1.92 -22.89
CA GLY A 64 13.06 -0.54 -22.51
C GLY A 64 13.61 0.22 -23.69
N SER A 65 13.36 1.51 -23.74
CA SER A 65 13.96 2.40 -24.73
C SER A 65 14.14 3.76 -24.16
N GLY A 66 14.90 4.56 -24.88
CA GLY A 66 15.25 5.92 -24.51
C GLY A 66 16.68 6.15 -24.30
N SER A 67 16.79 7.41 -24.46
N SER A 67 17.18 7.42 -24.25
CA SER A 67 17.84 7.99 -24.14
CA SER A 67 18.69 7.68 -24.18
C SER A 67 17.21 9.37 -23.95
C SER A 67 19.12 9.03 -23.58
N GLY A 68 18.20 10.02 -23.50
CA GLY A 68 18.32 11.40 -23.07
C GLY A 68 17.62 11.61 -21.74
N ARG A 69 16.50 12.36 -21.74
CA ARG A 69 15.67 12.55 -20.60
C ARG A 69 14.41 11.68 -20.50
N GLN A 70 14.05 11.08 -21.65
CA GLN A 70 12.76 10.39 -21.72
C GLN A 70 12.94 8.92 -21.98
N TYR A 71 12.31 8.12 -21.15
CA TYR A 71 12.46 6.68 -21.20
C TYR A 71 11.09 5.98 -21.20
N SER A 72 11.05 4.82 -21.83
CA SER A 72 9.80 4.07 -21.92
C SER A 72 10.04 2.61 -21.56
N LEU A 73 9.07 2.02 -20.91
CA LEU A 73 8.99 0.58 -20.65
C LEU A 73 7.79 0.17 -21.50
N LYS A 74 7.99 -0.88 -22.33
CA LYS A 74 6.97 -1.44 -23.14
C LYS A 74 6.73 -2.90 -22.73
N ILE A 75 5.42 -3.28 -22.71
CA ILE A 75 5.05 -4.69 -22.56
C ILE A 75 4.32 -5.13 -23.84
N SER A 76 4.88 -6.08 -24.56
CA SER A 76 4.40 -6.37 -25.92
C SER A 76 3.00 -6.93 -25.93
N SER A 77 2.68 -7.74 -24.92
CA SER A 77 1.35 -8.36 -24.80
C SER A 77 1.10 -8.56 -23.27
N LEU A 78 0.18 -7.80 -22.70
CA LEU A 78 0.00 -7.82 -21.28
C LEU A 78 -0.58 -9.14 -20.77
N HIS A 79 0.03 -9.69 -19.72
CA HIS A 79 -0.51 -10.83 -19.04
C HIS A 79 -1.09 -10.43 -17.71
N PRO A 80 -2.03 -11.21 -17.14
CA PRO A 80 -2.66 -10.86 -15.87
C PRO A 80 -1.69 -10.66 -14.79
N ASP A 81 -0.61 -11.40 -14.80
N ASP A 81 -0.62 -11.42 -14.72
CA ASP A 81 0.32 -11.35 -13.71
CA ASP A 81 0.26 -11.24 -13.53
C ASP A 81 1.30 -10.18 -13.79
C ASP A 81 1.30 -10.14 -13.74
N ASP A 82 1.17 -9.39 -14.84
CA ASP A 82 1.93 -8.14 -14.95
C ASP A 82 1.34 -6.98 -14.15
N VAL A 83 0.15 -7.15 -13.58
CA VAL A 83 -0.41 -6.09 -12.66
C VAL A 83 0.58 -5.86 -11.50
N ALA A 84 1.01 -4.62 -11.39
CA ALA A 84 2.10 -4.27 -10.50
C ALA A 84 2.25 -2.74 -10.58
N THR A 85 3.11 -2.22 -9.70
CA THR A 85 3.60 -0.86 -9.79
C THR A 85 4.99 -0.90 -10.37
N TYR A 86 5.26 -0.06 -11.39
CA TYR A 86 6.54 -0.02 -12.12
C TYR A 86 7.25 1.26 -11.71
N TYR A 87 8.51 1.17 -11.33
CA TYR A 87 9.27 2.30 -10.89
C TYR A 87 10.49 2.48 -11.73
N CYS A 88 10.86 3.72 -12.08
CA CYS A 88 12.14 4.07 -12.66
C CYS A 88 13.10 4.61 -11.63
N GLN A 89 14.39 4.46 -11.89
CA GLN A 89 15.39 5.03 -11.00
C GLN A 89 16.51 5.65 -11.77
N ASN A 90 16.80 6.90 -11.42
CA ASN A 90 18.00 7.56 -11.94
C ASN A 90 19.25 7.00 -11.28
N VAL A 91 20.20 6.46 -12.04
CA VAL A 91 21.48 6.04 -11.52
C VAL A 91 22.70 6.73 -12.14
N LEU A 92 22.49 7.95 -12.70
CA LEU A 92 23.57 8.73 -13.25
C LEU A 92 24.47 9.24 -12.13
N SER A 93 23.82 9.92 -11.18
CA SER A 93 24.61 10.59 -10.08
C SER A 93 23.67 10.67 -8.86
N THR A 94 24.25 10.70 -7.68
CA THR A 94 23.48 10.74 -6.48
C THR A 94 22.84 12.07 -6.19
N PRO A 95 21.70 12.11 -5.51
CA PRO A 95 20.92 10.89 -5.02
C PRO A 95 20.26 10.15 -6.20
N PHE A 96 20.17 8.86 -6.04
CA PHE A 96 19.63 7.93 -7.05
C PHE A 96 18.12 7.87 -6.95
N THR A 97 17.47 8.97 -7.33
CA THR A 97 16.04 9.19 -7.18
C THR A 97 15.16 8.12 -7.92
N PHE A 98 14.15 7.60 -7.21
CA PHE A 98 13.11 6.79 -7.86
C PHE A 98 12.00 7.68 -8.31
N GLY A 99 11.40 7.40 -9.48
CA GLY A 99 10.10 7.90 -9.72
C GLY A 99 9.06 7.35 -8.79
N SER A 100 7.85 8.01 -8.76
CA SER A 100 6.82 7.65 -7.80
C SER A 100 5.94 6.47 -8.19
N GLY A 101 6.25 5.88 -9.35
CA GLY A 101 5.59 4.66 -9.78
C GLY A 101 4.38 4.87 -10.73
N THR A 102 4.18 3.89 -11.54
CA THR A 102 2.98 3.77 -12.33
C THR A 102 2.34 2.41 -12.01
N LYS A 103 1.05 2.47 -11.66
CA LYS A 103 0.28 1.28 -11.37
C LYS A 103 -0.41 0.79 -12.66
N LEU A 104 -0.19 -0.44 -13.03
CA LEU A 104 -0.82 -1.04 -14.16
C LEU A 104 -1.93 -1.95 -13.73
N GLU A 105 -3.17 -1.69 -14.21
CA GLU A 105 -4.36 -2.41 -13.80
C GLU A 105 -5.08 -2.96 -15.03
N ILE A 106 -6.14 -3.76 -14.85
CA ILE A 106 -6.81 -4.42 -15.89
C ILE A 106 -8.14 -3.79 -16.25
N LYS A 107 -8.44 -3.74 -17.56
CA LYS A 107 -9.70 -3.25 -18.02
C LYS A 107 -10.80 -4.26 -17.85
N ARG A 108 -12.00 -3.73 -17.66
CA ARG A 108 -13.25 -4.54 -17.70
C ARG A 108 -14.46 -3.63 -18.01
N ALA A 109 -15.70 -4.13 -18.04
CA ALA A 109 -16.84 -3.32 -18.30
C ALA A 109 -17.18 -2.38 -17.19
N ASP A 110 -17.79 -1.24 -17.53
CA ASP A 110 -18.26 -0.37 -16.52
C ASP A 110 -19.28 -1.01 -15.61
N ALA A 111 -19.26 -0.61 -14.35
CA ALA A 111 -20.25 -0.99 -13.32
C ALA A 111 -20.50 0.13 -12.34
N ALA A 112 -21.73 0.42 -12.14
CA ALA A 112 -22.14 1.34 -11.05
C ALA A 112 -21.88 0.77 -9.66
N PRO A 113 -21.49 1.68 -8.73
CA PRO A 113 -21.33 1.20 -7.40
C PRO A 113 -22.64 0.67 -6.75
N THR A 114 -22.51 -0.35 -5.91
CA THR A 114 -23.54 -0.75 -4.91
C THR A 114 -23.30 0.05 -3.69
N VAL A 115 -24.24 0.88 -3.35
CA VAL A 115 -24.03 1.81 -2.27
C VAL A 115 -24.85 1.32 -1.04
N SER A 116 -24.24 1.32 0.13
CA SER A 116 -24.91 0.90 1.35
C SER A 116 -24.59 1.90 2.46
N ILE A 117 -25.59 2.42 3.19
CA ILE A 117 -25.32 3.27 4.38
C ILE A 117 -25.71 2.56 5.66
N PHE A 118 -24.94 2.91 6.72
CA PHE A 118 -25.09 2.31 8.02
C PHE A 118 -25.11 3.38 9.16
N PRO A 119 -26.15 3.38 9.99
CA PRO A 119 -26.08 4.25 11.21
C PRO A 119 -25.06 3.81 12.18
N PRO A 120 -24.74 4.67 13.13
CA PRO A 120 -23.89 4.21 14.25
C PRO A 120 -24.48 3.03 14.99
N SER A 121 -23.64 2.10 15.35
CA SER A 121 -24.04 0.93 16.09
C SER A 121 -24.45 1.28 17.54
N SER A 122 -25.25 0.42 18.15
CA SER A 122 -25.61 0.65 19.60
C SER A 122 -24.40 0.67 20.43
N GLU A 123 -23.41 -0.20 20.12
CA GLU A 123 -22.18 -0.28 20.91
C GLU A 123 -21.41 1.02 20.93
N GLN A 124 -21.26 1.59 19.75
CA GLN A 124 -20.63 2.90 19.67
C GLN A 124 -21.41 3.94 20.38
N LEU A 125 -22.68 4.01 20.10
CA LEU A 125 -23.50 4.99 20.76
C LEU A 125 -23.48 4.87 22.31
N THR A 126 -23.43 3.68 22.88
CA THR A 126 -23.26 3.55 24.35
C THR A 126 -21.90 4.22 24.81
N SER A 127 -20.95 4.29 23.92
CA SER A 127 -19.65 4.96 24.13
C SER A 127 -19.58 6.50 24.02
N GLY A 128 -20.56 7.13 23.43
CA GLY A 128 -20.60 8.54 23.17
C GLY A 128 -20.22 9.09 21.86
N GLY A 129 -19.94 8.16 20.95
CA GLY A 129 -19.48 8.50 19.60
C GLY A 129 -20.49 8.05 18.62
N ALA A 130 -20.34 8.57 17.40
CA ALA A 130 -21.32 8.31 16.31
C ALA A 130 -20.57 8.36 14.99
N SER A 131 -20.39 7.19 14.41
CA SER A 131 -19.80 7.09 13.04
C SER A 131 -20.86 6.55 12.06
N VAL A 132 -21.13 7.29 10.98
CA VAL A 132 -22.00 6.87 9.91
C VAL A 132 -21.11 6.45 8.73
N VAL A 133 -21.36 5.27 8.19
CA VAL A 133 -20.49 4.64 7.22
C VAL A 133 -21.28 4.39 5.90
N CYS A 134 -20.57 4.62 4.81
CA CYS A 134 -21.09 4.33 3.49
C CYS A 134 -20.09 3.48 2.74
N PHE A 135 -20.52 2.35 2.20
CA PHE A 135 -19.64 1.61 1.31
C PHE A 135 -20.14 1.82 -0.12
N LEU A 136 -19.22 2.01 -1.04
CA LEU A 136 -19.47 2.16 -2.49
C LEU A 136 -18.71 1.00 -3.14
N ASN A 137 -19.37 -0.08 -3.45
CA ASN A 137 -18.74 -1.37 -3.72
C ASN A 137 -18.85 -1.80 -5.18
N ASN A 138 -17.74 -2.42 -5.63
CA ASN A 138 -17.76 -3.15 -6.90
C ASN A 138 -18.08 -2.28 -8.10
N PHE A 139 -17.44 -1.16 -8.24
CA PHE A 139 -17.58 -0.24 -9.34
C PHE A 139 -16.44 -0.27 -10.32
N TYR A 140 -16.65 0.23 -11.52
CA TYR A 140 -15.58 0.34 -12.54
C TYR A 140 -16.02 1.44 -13.51
N PRO A 141 -15.18 2.39 -13.87
CA PRO A 141 -13.75 2.53 -13.54
C PRO A 141 -13.53 3.16 -12.16
N LYS A 142 -12.27 3.35 -11.77
CA LYS A 142 -11.95 3.64 -10.38
C LYS A 142 -12.30 5.02 -9.91
N ASP A 143 -12.51 5.99 -10.83
CA ASP A 143 -12.77 7.37 -10.41
C ASP A 143 -14.17 7.51 -9.84
N ILE A 144 -14.32 8.12 -8.65
CA ILE A 144 -15.64 8.25 -8.02
C ILE A 144 -15.59 9.35 -7.01
N ASN A 145 -16.73 9.92 -6.65
CA ASN A 145 -16.94 10.99 -5.63
C ASN A 145 -18.05 10.60 -4.69
N VAL A 146 -17.93 11.05 -3.44
CA VAL A 146 -18.90 10.74 -2.42
C VAL A 146 -19.13 12.03 -1.70
N LYS A 147 -20.36 12.28 -1.36
CA LYS A 147 -20.78 13.53 -0.72
C LYS A 147 -21.72 13.12 0.37
N TRP A 148 -21.52 13.70 1.55
CA TRP A 148 -22.42 13.50 2.66
C TRP A 148 -23.29 14.71 2.80
N LYS A 149 -24.55 14.43 3.17
CA LYS A 149 -25.50 15.46 3.59
C LYS A 149 -26.18 15.10 4.90
N ILE A 150 -26.39 16.19 5.70
CA ILE A 150 -27.07 16.10 6.94
C ILE A 150 -28.20 17.06 6.73
N ASP A 151 -29.41 16.54 6.89
CA ASP A 151 -30.63 17.34 6.61
C ASP A 151 -30.45 18.23 5.37
N GLY A 152 -29.97 17.60 4.30
CA GLY A 152 -29.84 18.26 3.00
C GLY A 152 -28.71 19.22 2.78
N SER A 153 -27.90 19.51 3.78
CA SER A 153 -26.73 20.36 3.52
C SER A 153 -25.49 19.46 3.52
N GLU A 154 -24.59 19.78 2.59
CA GLU A 154 -23.37 19.06 2.45
C GLU A 154 -22.61 19.19 3.73
N ARG A 155 -21.95 18.11 4.12
CA ARG A 155 -20.95 18.12 5.24
C ARG A 155 -19.66 17.62 4.74
N GLN A 156 -18.59 18.39 4.94
CA GLN A 156 -17.20 17.96 4.68
C GLN A 156 -16.39 17.55 5.91
N ASN A 157 -16.73 18.11 7.10
CA ASN A 157 -15.98 17.89 8.34
C ASN A 157 -16.23 16.55 8.91
N GLY A 158 -15.11 15.87 9.17
CA GLY A 158 -15.11 14.57 9.87
C GLY A 158 -15.43 13.47 8.90
N VAL A 159 -15.13 13.70 7.61
CA VAL A 159 -15.24 12.63 6.55
C VAL A 159 -13.85 12.01 6.25
N LEU A 160 -13.78 10.69 6.27
CA LEU A 160 -12.51 9.95 5.99
C LEU A 160 -12.83 8.92 4.94
N ASN A 161 -11.97 8.78 3.95
CA ASN A 161 -12.25 7.83 2.84
C ASN A 161 -11.10 6.85 2.64
N SER A 162 -11.44 5.62 2.26
CA SER A 162 -10.43 4.63 1.98
C SER A 162 -10.82 3.93 0.74
N TRP A 163 -9.83 3.63 -0.12
CA TRP A 163 -10.06 3.03 -1.41
C TRP A 163 -9.27 1.75 -1.59
N THR A 164 -9.94 0.68 -2.02
CA THR A 164 -9.26 -0.55 -2.30
C THR A 164 -8.49 -0.48 -3.64
N ASP A 165 -7.47 -1.35 -3.77
CA ASP A 165 -6.81 -1.64 -4.99
C ASP A 165 -7.81 -2.50 -5.79
N GLN A 166 -7.50 -2.66 -7.06
CA GLN A 166 -8.36 -3.45 -7.95
C GLN A 166 -8.55 -4.87 -7.40
N ASP A 167 -9.83 -5.35 -7.42
CA ASP A 167 -10.16 -6.65 -6.90
C ASP A 167 -9.52 -7.75 -7.82
N SER A 168 -8.83 -8.69 -7.21
CA SER A 168 -8.15 -9.71 -8.02
C SER A 168 -9.09 -10.70 -8.67
N LYS A 169 -10.33 -10.81 -8.32
CA LYS A 169 -11.27 -11.73 -9.02
C LYS A 169 -12.19 -11.07 -10.03
N ASP A 170 -12.80 -9.95 -9.69
CA ASP A 170 -13.76 -9.36 -10.62
C ASP A 170 -13.27 -8.01 -11.31
N SER A 171 -12.08 -7.53 -10.88
CA SER A 171 -11.44 -6.37 -11.45
C SER A 171 -12.10 -5.04 -11.13
N THR A 172 -12.99 -5.07 -10.14
CA THR A 172 -13.67 -3.83 -9.68
C THR A 172 -12.89 -3.12 -8.58
N TYR A 173 -13.39 -1.95 -8.23
CA TYR A 173 -12.86 -1.13 -7.14
C TYR A 173 -13.97 -0.88 -6.13
N SER A 174 -13.57 -0.58 -4.91
CA SER A 174 -14.52 -0.24 -3.85
C SER A 174 -13.99 0.88 -3.01
N MET A 175 -14.87 1.58 -2.29
CA MET A 175 -14.47 2.72 -1.41
C MET A 175 -15.34 2.61 -0.16
N SER A 176 -14.77 3.02 0.96
CA SER A 176 -15.45 3.14 2.28
C SER A 176 -15.34 4.58 2.73
N SER A 177 -16.45 5.21 3.07
CA SER A 177 -16.45 6.60 3.58
C SER A 177 -17.12 6.64 4.93
N THR A 178 -16.49 7.35 5.86
CA THR A 178 -17.03 7.42 7.23
C THR A 178 -17.15 8.84 7.65
N LEU A 179 -18.35 9.24 8.05
CA LEU A 179 -18.60 10.55 8.69
C LEU A 179 -18.68 10.39 10.21
N THR A 180 -17.67 10.94 10.93
CA THR A 180 -17.72 10.86 12.40
C THR A 180 -18.18 12.12 13.06
N LEU A 181 -19.08 11.91 14.00
CA LEU A 181 -19.62 13.03 14.86
C LEU A 181 -19.74 12.64 16.28
N THR A 182 -19.89 13.67 17.16
CA THR A 182 -20.28 13.35 18.52
C THR A 182 -21.72 12.80 18.54
N LYS A 183 -22.02 11.92 19.53
CA LYS A 183 -23.36 11.43 19.75
C LYS A 183 -24.23 12.65 19.95
N ASP A 184 -23.75 13.60 20.77
CA ASP A 184 -24.54 14.83 20.96
C ASP A 184 -24.88 15.51 19.59
N GLU A 185 -23.97 15.64 18.65
CA GLU A 185 -24.40 16.29 17.37
C GLU A 185 -25.25 15.37 16.41
N TYR A 186 -24.87 14.12 16.30
CA TYR A 186 -25.70 13.13 15.58
C TYR A 186 -27.20 13.27 16.03
N GLU A 187 -27.42 13.51 17.34
CA GLU A 187 -28.80 13.68 17.85
C GLU A 187 -29.52 14.97 17.45
N ARG A 188 -28.79 15.94 16.87
CA ARG A 188 -29.35 17.27 16.50
C ARG A 188 -29.97 17.27 15.11
N HIS A 189 -29.81 16.16 14.34
CA HIS A 189 -30.26 16.11 12.95
C HIS A 189 -30.91 14.71 12.72
N ASN A 190 -31.90 14.63 11.77
CA ASN A 190 -32.67 13.38 11.49
C ASN A 190 -32.25 12.63 10.25
N SER A 191 -31.78 13.35 9.21
CA SER A 191 -31.62 12.71 7.87
C SER A 191 -30.14 12.66 7.48
N TYR A 192 -29.67 11.46 7.10
CA TYR A 192 -28.21 11.26 6.81
C TYR A 192 -28.15 10.64 5.43
N THR A 193 -27.42 11.28 4.51
CA THR A 193 -27.29 10.73 3.17
C THR A 193 -25.86 10.65 2.67
N CYS A 194 -25.50 9.56 1.96
N CYS A 194 -25.61 9.61 1.88
CA CYS A 194 -24.28 9.52 1.14
CA CYS A 194 -24.34 9.46 1.16
C CYS A 194 -24.70 9.44 -0.32
C CYS A 194 -24.69 9.40 -0.34
N GLU A 195 -24.03 10.26 -1.12
CA GLU A 195 -24.28 10.32 -2.59
C GLU A 195 -23.02 9.99 -3.36
N ALA A 196 -23.18 9.11 -4.31
CA ALA A 196 -22.05 8.53 -5.06
C ALA A 196 -22.27 9.08 -6.45
N THR A 197 -21.26 9.78 -6.96
CA THR A 197 -21.21 10.23 -8.30
C THR A 197 -20.16 9.45 -9.12
N HIS A 198 -20.58 8.85 -10.25
CA HIS A 198 -19.71 7.93 -11.00
C HIS A 198 -20.11 8.00 -12.49
N LYS A 199 -19.18 7.61 -13.37
CA LYS A 199 -19.45 7.79 -14.80
C LYS A 199 -20.61 7.02 -15.39
N THR A 200 -21.05 6.05 -14.67
CA THR A 200 -22.13 5.19 -15.11
C THR A 200 -23.51 5.87 -15.00
N SER A 201 -23.65 7.04 -14.35
CA SER A 201 -24.95 7.70 -14.39
C SER A 201 -24.75 9.21 -14.38
N THR A 202 -25.63 9.96 -15.01
CA THR A 202 -25.50 11.40 -14.94
C THR A 202 -26.08 11.90 -13.59
N SER A 203 -26.92 11.08 -12.95
CA SER A 203 -27.40 11.33 -11.59
C SER A 203 -26.71 10.58 -10.52
N PRO A 204 -26.59 11.18 -9.31
CA PRO A 204 -25.88 10.41 -8.27
C PRO A 204 -26.71 9.24 -7.71
N ILE A 205 -26.07 8.25 -7.18
CA ILE A 205 -26.79 7.15 -6.48
C ILE A 205 -26.83 7.51 -5.00
N VAL A 206 -28.03 7.58 -4.46
CA VAL A 206 -28.15 8.26 -3.18
C VAL A 206 -28.79 7.30 -2.19
N LYS A 207 -28.20 7.13 -1.02
CA LYS A 207 -28.74 6.21 0.00
C LYS A 207 -28.85 7.00 1.29
N SER A 208 -29.90 6.70 2.05
CA SER A 208 -30.34 7.55 3.14
C SER A 208 -30.90 6.75 4.29
N PHE A 209 -30.80 7.38 5.47
CA PHE A 209 -31.58 6.89 6.55
C PHE A 209 -31.99 8.08 7.42
N ASN A 210 -33.00 7.83 8.23
CA ASN A 210 -33.45 8.81 9.29
C ASN A 210 -33.22 8.23 10.67
N ARG A 211 -32.53 9.02 11.51
CA ARG A 211 -32.30 8.68 12.92
C ARG A 211 -33.67 8.63 13.54
N GLU B 1 19.96 -21.24 -4.05
CA GLU B 1 19.12 -20.08 -4.31
C GLU B 1 19.64 -18.92 -3.50
N VAL B 2 19.66 -17.73 -4.10
CA VAL B 2 20.03 -16.56 -3.30
C VAL B 2 18.90 -16.27 -2.28
N GLN B 3 19.23 -16.01 -1.04
CA GLN B 3 18.30 -15.60 -0.01
C GLN B 3 18.82 -14.44 0.77
N LEU B 4 17.93 -13.52 1.02
CA LEU B 4 18.21 -12.35 1.83
C LEU B 4 17.08 -12.25 2.85
N VAL B 5 17.33 -12.26 4.13
CA VAL B 5 16.32 -12.22 5.18
C VAL B 5 16.59 -11.12 6.17
N GLU B 6 15.72 -10.11 6.16
CA GLU B 6 15.84 -8.95 7.01
C GLU B 6 15.08 -9.24 8.34
N SER B 7 15.64 -8.70 9.38
CA SER B 7 15.05 -8.77 10.72
C SER B 7 15.50 -7.53 11.53
N GLY B 8 14.88 -7.37 12.71
CA GLY B 8 15.25 -6.28 13.55
C GLY B 8 14.31 -5.06 13.46
N GLY B 9 13.29 -5.16 12.65
CA GLY B 9 12.32 -4.12 12.66
C GLY B 9 11.49 -4.10 13.90
N GLY B 10 10.66 -3.05 14.02
CA GLY B 10 9.87 -2.93 15.22
C GLY B 10 9.14 -1.58 15.24
N VAL B 11 8.61 -1.22 16.39
CA VAL B 11 7.87 -0.05 16.58
C VAL B 11 8.66 0.71 17.65
N VAL B 12 8.97 1.98 17.40
CA VAL B 12 9.71 2.77 18.36
C VAL B 12 9.08 4.18 18.44
N GLN B 13 9.52 4.90 19.47
CA GLN B 13 9.12 6.26 19.64
C GLN B 13 10.07 7.22 18.86
N PRO B 14 9.62 8.44 18.60
CA PRO B 14 10.49 9.46 17.97
C PRO B 14 11.76 9.63 18.82
N GLY B 15 12.89 9.57 18.16
CA GLY B 15 14.13 9.58 18.88
C GLY B 15 14.75 8.22 19.19
N GLY B 16 14.00 7.15 18.90
CA GLY B 16 14.42 5.80 19.25
C GLY B 16 15.45 5.32 18.26
N SER B 17 15.82 4.03 18.51
CA SER B 17 16.87 3.36 17.78
C SER B 17 16.44 1.97 17.39
N LEU B 18 16.97 1.43 16.24
CA LEU B 18 16.81 0.00 15.84
C LEU B 18 18.08 -0.36 15.17
N LYS B 19 18.35 -1.66 15.11
CA LYS B 19 19.39 -2.18 14.34
C LYS B 19 18.83 -3.24 13.43
N LEU B 20 18.79 -3.01 12.11
CA LEU B 20 18.35 -3.99 11.19
C LEU B 20 19.48 -4.94 10.82
N SER B 21 19.12 -6.21 10.53
N SER B 21 19.13 -6.22 10.51
CA SER B 21 20.09 -7.19 10.08
CA SER B 21 20.10 -7.25 10.12
C SER B 21 19.52 -7.86 8.85
C SER B 21 19.54 -7.90 8.89
N CYS B 22 20.35 -8.22 7.92
CA CYS B 22 19.96 -8.96 6.75
C CYS B 22 20.93 -10.11 6.56
N ALA B 23 20.42 -11.35 6.78
CA ALA B 23 21.24 -12.54 6.60
C ALA B 23 21.24 -12.98 5.16
N ALA B 24 22.38 -13.17 4.59
CA ALA B 24 22.55 -13.55 3.18
C ALA B 24 23.04 -14.94 3.06
N SER B 25 22.52 -15.66 2.11
CA SER B 25 23.05 -16.95 1.74
C SER B 25 22.85 -17.23 0.27
N GLY B 26 23.54 -18.28 -0.20
CA GLY B 26 23.43 -18.76 -1.55
C GLY B 26 24.22 -17.99 -2.58
N PHE B 27 25.18 -17.13 -2.13
CA PHE B 27 26.12 -16.46 -3.00
C PHE B 27 27.25 -16.02 -2.21
N THR B 28 28.31 -15.61 -2.88
CA THR B 28 29.54 -15.21 -2.17
C THR B 28 29.32 -13.74 -1.71
N PHE B 29 28.82 -13.58 -0.52
CA PHE B 29 28.39 -12.33 -0.01
C PHE B 29 29.47 -11.20 -0.11
N SER B 30 30.71 -11.57 0.28
CA SER B 30 31.78 -10.57 0.39
C SER B 30 32.19 -10.03 -1.00
N THR B 31 31.68 -10.60 -2.11
CA THR B 31 32.00 -10.09 -3.45
C THR B 31 31.14 -8.88 -3.86
N TYR B 32 29.98 -8.74 -3.21
CA TYR B 32 28.95 -7.80 -3.66
C TYR B 32 28.75 -6.63 -2.80
N ASP B 33 28.55 -5.45 -3.47
CA ASP B 33 28.02 -4.30 -2.79
C ASP B 33 26.58 -4.60 -2.41
N MET B 34 26.08 -3.96 -1.31
CA MET B 34 24.78 -4.16 -0.78
C MET B 34 24.06 -2.89 -0.42
N SER B 35 22.76 -2.84 -0.57
CA SER B 35 21.96 -1.65 -0.29
C SER B 35 20.83 -1.93 0.67
N TRP B 36 20.38 -0.85 1.33
CA TRP B 36 19.09 -0.76 2.01
C TRP B 36 18.21 0.20 1.28
N VAL B 37 16.98 -0.16 0.90
CA VAL B 37 16.01 0.64 0.26
C VAL B 37 14.72 0.59 1.08
N ARG B 38 14.01 1.71 1.24
CA ARG B 38 12.79 1.69 2.03
C ARG B 38 11.55 2.04 1.14
N GLN B 39 10.41 1.50 1.50
CA GLN B 39 9.13 1.81 0.85
C GLN B 39 8.24 2.43 1.91
N THR B 40 7.94 3.69 1.71
CA THR B 40 7.08 4.42 2.62
C THR B 40 5.60 4.10 2.43
N PRO B 41 4.72 4.54 3.32
CA PRO B 41 3.31 4.20 3.22
C PRO B 41 2.60 4.73 1.98
N ASP B 42 3.15 5.78 1.39
CA ASP B 42 2.73 6.33 0.08
C ASP B 42 3.21 5.52 -1.14
N LYS B 43 3.89 4.41 -0.85
CA LYS B 43 4.36 3.46 -1.88
C LYS B 43 5.51 4.03 -2.70
N ARG B 44 6.19 5.07 -2.19
CA ARG B 44 7.38 5.57 -2.81
C ARG B 44 8.62 4.78 -2.27
N LEU B 45 9.65 4.63 -3.10
CA LEU B 45 10.92 3.99 -2.79
C LEU B 45 12.02 5.01 -2.59
N GLU B 46 12.98 4.70 -1.68
CA GLU B 46 14.12 5.58 -1.49
C GLU B 46 15.30 4.76 -1.05
N LEU B 47 16.42 4.87 -1.75
CA LEU B 47 17.69 4.27 -1.34
C LEU B 47 18.16 4.98 -0.06
N VAL B 48 18.41 4.25 0.99
CA VAL B 48 18.90 4.86 2.24
C VAL B 48 20.29 4.54 2.56
N ALA B 49 20.94 3.51 2.06
CA ALA B 49 22.32 3.26 2.34
C ALA B 49 22.86 2.24 1.29
N THR B 50 24.12 2.43 0.92
CA THR B 50 24.85 1.48 0.12
C THR B 50 26.24 1.26 0.75
N ILE B 51 26.81 0.05 0.73
CA ILE B 51 28.08 -0.25 1.28
C ILE B 51 28.81 -1.11 0.27
N ASN B 52 30.13 -0.98 0.14
CA ASN B 52 30.84 -1.82 -0.86
C ASN B 52 31.15 -3.20 -0.30
N SER B 53 31.57 -4.07 -1.19
CA SER B 53 31.96 -5.39 -0.88
C SER B 53 32.74 -5.60 0.43
N ASN B 54 33.83 -4.82 0.56
CA ASN B 54 34.71 -4.99 1.66
C ASN B 54 34.32 -4.24 2.94
N GLY B 55 33.29 -3.39 2.84
CA GLY B 55 32.81 -2.69 3.98
C GLY B 55 33.40 -1.37 4.38
N GLY B 56 34.40 -0.92 3.62
CA GLY B 56 35.15 0.28 3.95
C GLY B 56 34.52 1.58 3.45
N SER B 57 33.58 1.52 2.53
CA SER B 57 33.01 2.68 1.88
C SER B 57 31.50 2.63 1.89
N THR B 58 30.85 3.74 2.24
CA THR B 58 29.46 3.87 2.27
C THR B 58 28.94 5.14 1.65
N TYR B 59 27.69 5.12 1.32
CA TYR B 59 26.93 6.28 0.91
C TYR B 59 25.55 6.35 1.46
N TYR B 60 25.11 7.52 1.91
CA TYR B 60 23.78 7.77 2.42
C TYR B 60 23.24 9.07 1.85
N PRO B 61 21.93 9.13 1.50
CA PRO B 61 21.31 10.47 1.16
C PRO B 61 21.23 11.37 2.35
N ASP B 62 21.04 12.65 2.03
CA ASP B 62 21.02 13.64 3.07
C ASP B 62 19.85 13.43 4.09
N SER B 63 18.75 12.82 3.69
CA SER B 63 17.57 12.50 4.51
C SER B 63 17.98 11.67 5.80
N VAL B 64 19.01 10.82 5.68
CA VAL B 64 19.36 9.90 6.74
C VAL B 64 20.86 10.04 7.19
N LYS B 65 21.68 10.76 6.43
CA LYS B 65 23.08 10.84 6.71
C LYS B 65 23.24 11.46 8.09
N GLY B 66 24.18 10.90 8.83
CA GLY B 66 24.38 11.23 10.21
C GLY B 66 23.52 10.52 11.22
N ARG B 67 22.44 9.87 10.75
CA ARG B 67 21.54 9.10 11.64
C ARG B 67 21.60 7.58 11.45
N PHE B 68 21.87 7.18 10.23
CA PHE B 68 21.90 5.79 9.86
C PHE B 68 23.37 5.44 9.54
N THR B 69 23.77 4.21 9.93
CA THR B 69 25.08 3.66 9.67
C THR B 69 24.90 2.24 9.12
N SER B 70 25.49 1.92 7.98
CA SER B 70 25.50 0.57 7.43
C SER B 70 26.85 -0.08 7.74
N SER B 71 26.87 -1.39 7.98
CA SER B 71 28.09 -2.13 8.18
C SER B 71 27.83 -3.52 7.76
N ARG B 72 28.86 -4.35 7.68
CA ARG B 72 28.64 -5.70 7.26
C ARG B 72 29.64 -6.69 7.92
N ASP B 73 29.22 -7.93 8.07
CA ASP B 73 29.98 -9.01 8.62
C ASP B 73 30.24 -9.99 7.51
N ASN B 74 31.44 -9.98 6.99
CA ASN B 74 31.82 -10.83 5.84
C ASN B 74 32.29 -12.21 6.24
N ALA B 75 32.19 -12.59 7.50
CA ALA B 75 32.41 -13.92 7.95
C ALA B 75 31.12 -14.71 7.94
N LYS B 76 30.15 -14.21 8.71
CA LYS B 76 28.82 -14.80 8.85
C LYS B 76 27.80 -14.34 7.81
N ASN B 77 28.24 -13.37 6.97
CA ASN B 77 27.40 -12.89 5.84
C ASN B 77 26.15 -12.21 6.24
N ILE B 78 26.33 -11.09 6.93
CA ILE B 78 25.20 -10.29 7.46
C ILE B 78 25.44 -8.80 7.10
N LEU B 79 24.39 -8.14 6.66
CA LEU B 79 24.37 -6.71 6.44
C LEU B 79 23.56 -6.08 7.57
N TYR B 80 24.10 -4.97 8.10
CA TYR B 80 23.43 -4.24 9.13
C TYR B 80 23.04 -2.80 8.78
N LEU B 81 21.98 -2.29 9.41
CA LEU B 81 21.68 -0.85 9.37
C LEU B 81 21.31 -0.37 10.76
N GLN B 82 22.23 0.40 11.40
CA GLN B 82 21.95 1.00 12.69
C GLN B 82 21.23 2.31 12.46
N MET B 83 20.05 2.45 13.00
CA MET B 83 19.21 3.64 12.84
C MET B 83 19.06 4.32 14.13
N SER B 84 19.38 5.60 14.18
N SER B 84 19.43 5.60 14.19
CA SER B 84 19.21 6.34 15.38
CA SER B 84 19.27 6.37 15.38
C SER B 84 18.46 7.63 15.14
C SER B 84 18.49 7.64 15.14
N SER B 85 18.09 8.32 16.23
CA SER B 85 17.36 9.58 16.09
C SER B 85 16.15 9.47 15.15
N LEU B 86 15.42 8.35 15.26
CA LEU B 86 14.34 8.06 14.33
C LEU B 86 13.24 9.12 14.39
N LYS B 87 12.61 9.32 13.21
CA LYS B 87 11.56 10.26 13.02
C LYS B 87 10.36 9.63 12.45
N SER B 88 9.17 10.17 12.63
CA SER B 88 7.94 9.53 12.05
C SER B 88 8.09 9.28 10.56
N GLU B 89 8.76 10.17 9.80
CA GLU B 89 8.93 9.96 8.36
C GLU B 89 9.89 8.78 7.98
N ASP B 90 10.55 8.16 8.97
CA ASP B 90 11.34 6.97 8.76
C ASP B 90 10.44 5.70 8.80
N THR B 91 9.15 5.83 9.02
CA THR B 91 8.19 4.72 9.00
C THR B 91 8.11 4.12 7.59
N ALA B 92 8.43 2.83 7.40
CA ALA B 92 8.58 2.28 6.11
C ALA B 92 8.83 0.77 6.21
N MET B 93 8.68 0.06 5.10
CA MET B 93 9.23 -1.30 4.88
C MET B 93 10.69 -1.14 4.47
N TYR B 94 11.66 -1.77 5.16
CA TYR B 94 13.09 -1.69 4.82
C TYR B 94 13.56 -2.97 4.19
N TYR B 95 14.04 -2.86 2.99
CA TYR B 95 14.57 -4.02 2.24
C TYR B 95 16.07 -3.99 2.18
N CYS B 96 16.68 -5.17 2.26
CA CYS B 96 18.06 -5.39 1.89
CA CYS B 96 18.08 -5.26 1.83
C CYS B 96 18.13 -5.84 0.42
N ALA B 97 19.11 -5.41 -0.35
CA ALA B 97 19.16 -5.79 -1.77
C ALA B 97 20.57 -5.88 -2.20
N ARG B 98 20.89 -6.83 -3.04
CA ARG B 98 22.20 -7.06 -3.54
C ARG B 98 22.42 -6.24 -4.82
N GLU B 99 23.56 -5.59 -4.98
CA GLU B 99 23.96 -4.83 -6.18
C GLU B 99 24.52 -5.78 -7.18
N ALA B 100 24.01 -5.71 -8.40
CA ALA B 100 24.50 -6.58 -9.49
C ALA B 100 25.95 -6.26 -9.87
N LEU B 101 26.70 -7.25 -10.29
CA LEU B 101 28.10 -7.03 -10.83
C LEU B 101 27.99 -6.86 -12.35
N LEU B 102 28.09 -5.68 -12.84
CA LEU B 102 27.92 -5.34 -14.30
C LEU B 102 29.18 -4.68 -14.86
N ARG B 103 29.42 -4.88 -16.13
CA ARG B 103 30.50 -4.27 -16.86
C ARG B 103 29.97 -3.75 -18.21
N PRO B 104 29.98 -2.46 -18.50
CA PRO B 104 30.26 -1.34 -17.60
C PRO B 104 29.30 -1.37 -16.35
N PRO B 105 29.63 -0.62 -15.34
CA PRO B 105 28.93 -0.73 -14.17
C PRO B 105 27.77 0.17 -14.11
N TYR B 106 26.60 -0.36 -13.66
N TYR B 106 27.07 -0.15 -13.06
CA TYR B 106 25.42 0.45 -13.32
CA TYR B 106 25.82 0.29 -13.14
C TYR B 106 25.03 0.01 -11.95
C TYR B 106 25.06 -0.06 -11.88
N TYR B 107 24.45 0.93 -11.19
CA TYR B 107 23.84 0.60 -9.97
C TYR B 107 22.47 -0.15 -10.29
N ALA B 108 22.34 -1.43 -9.96
CA ALA B 108 21.10 -2.19 -10.25
C ALA B 108 20.96 -3.21 -9.13
N LEU B 109 19.78 -3.37 -8.59
CA LEU B 109 19.55 -4.21 -7.41
C LEU B 109 18.90 -5.56 -7.91
N ASP B 110 19.68 -6.61 -8.08
CA ASP B 110 19.22 -7.81 -8.68
C ASP B 110 18.50 -8.83 -7.80
N TYR B 111 18.67 -8.77 -6.49
CA TYR B 111 17.97 -9.60 -5.51
C TYR B 111 17.56 -8.73 -4.34
N TRP B 112 16.37 -8.88 -3.89
CA TRP B 112 15.81 -8.14 -2.75
C TRP B 112 15.26 -9.13 -1.72
N GLY B 113 15.36 -8.82 -0.44
CA GLY B 113 14.73 -9.58 0.63
C GLY B 113 13.20 -9.25 0.66
N GLN B 114 12.53 -9.81 1.66
CA GLN B 114 11.14 -9.60 1.92
C GLN B 114 10.82 -8.36 2.68
N GLY B 115 11.84 -7.76 3.21
CA GLY B 115 11.60 -6.55 3.97
C GLY B 115 11.31 -6.79 5.43
N THR B 116 11.62 -5.77 6.25
CA THR B 116 11.18 -5.73 7.65
C THR B 116 10.52 -4.36 7.99
N SER B 117 9.43 -4.35 8.74
CA SER B 117 8.67 -3.17 9.00
C SER B 117 9.21 -2.32 10.14
N VAL B 118 9.27 -1.02 9.95
CA VAL B 118 9.64 -0.10 10.97
C VAL B 118 8.52 0.94 11.10
N THR B 119 8.09 1.19 12.33
CA THR B 119 7.10 2.23 12.59
C THR B 119 7.65 3.13 13.67
N VAL B 120 7.63 4.46 13.43
CA VAL B 120 8.14 5.44 14.41
C VAL B 120 6.96 6.35 14.72
N SER B 121 6.58 6.35 16.00
CA SER B 121 5.35 7.05 16.40
C SER B 121 5.40 7.30 17.94
N SER B 122 4.71 8.34 18.37
CA SER B 122 4.41 8.59 19.76
C SER B 122 3.29 7.74 20.32
N ALA B 123 2.60 6.94 19.48
CA ALA B 123 1.59 6.07 20.05
C ALA B 123 2.08 4.89 20.75
N LYS B 124 1.36 4.34 21.68
CA LYS B 124 1.57 3.06 22.30
C LYS B 124 0.62 2.04 21.74
N THR B 125 0.88 0.76 21.99
CA THR B 125 -0.11 -0.24 21.57
C THR B 125 -1.48 0.13 22.16
N THR B 126 -2.46 0.01 21.30
CA THR B 126 -3.88 0.40 21.54
C THR B 126 -4.82 -0.52 20.81
N PRO B 127 -5.69 -1.22 21.54
CA PRO B 127 -6.64 -2.12 20.85
C PRO B 127 -7.72 -1.36 20.09
N PRO B 128 -8.25 -1.98 19.06
CA PRO B 128 -9.31 -1.36 18.27
C PRO B 128 -10.64 -1.42 19.04
N SER B 129 -11.52 -0.47 18.78
CA SER B 129 -12.93 -0.65 18.99
C SER B 129 -13.55 -1.23 17.75
N VAL B 130 -14.39 -2.24 17.92
CA VAL B 130 -14.97 -2.91 16.82
C VAL B 130 -16.50 -2.77 16.83
N TYR B 131 -17.04 -2.23 15.77
CA TYR B 131 -18.48 -1.94 15.69
C TYR B 131 -19.06 -2.61 14.47
N PRO B 132 -20.18 -3.25 14.71
CA PRO B 132 -20.90 -3.84 13.60
C PRO B 132 -21.61 -2.86 12.73
N LEU B 133 -21.68 -3.22 11.44
CA LEU B 133 -22.42 -2.38 10.45
C LEU B 133 -23.48 -3.26 9.82
N ALA B 134 -24.70 -3.03 10.29
CA ALA B 134 -25.93 -3.73 9.81
C ALA B 134 -27.01 -2.79 9.26
N PRO B 135 -27.78 -3.27 8.25
CA PRO B 135 -28.93 -2.54 7.88
C PRO B 135 -29.89 -2.68 9.06
N GLY B 136 -30.56 -1.57 9.35
CA GLY B 136 -31.66 -1.55 10.33
C GLY B 136 -32.92 -1.06 9.68
N SER B 143 -32.28 -8.96 -2.63
CA SER B 143 -31.76 -10.29 -2.86
C SER B 143 -30.28 -10.43 -2.45
N SER B 144 -29.56 -9.33 -2.37
CA SER B 144 -28.26 -9.43 -1.62
C SER B 144 -28.20 -8.47 -0.45
N VAL B 145 -27.42 -8.78 0.57
CA VAL B 145 -27.31 -7.89 1.70
C VAL B 145 -25.80 -7.62 1.98
N THR B 146 -25.47 -6.36 2.24
CA THR B 146 -24.10 -5.99 2.56
C THR B 146 -23.99 -5.69 4.05
N LEU B 147 -22.96 -6.30 4.68
CA LEU B 147 -22.73 -6.06 6.10
C LEU B 147 -21.29 -5.59 6.27
N GLY B 148 -20.95 -5.06 7.43
CA GLY B 148 -19.55 -4.71 7.64
C GLY B 148 -19.11 -4.62 9.07
N CYS B 149 -17.83 -4.32 9.27
CA CYS B 149 -17.28 -4.07 10.65
C CYS B 149 -16.36 -2.85 10.49
N LEU B 150 -16.56 -1.90 11.40
CA LEU B 150 -15.71 -0.72 11.53
C LEU B 150 -14.71 -1.00 12.67
N VAL B 151 -13.43 -0.84 12.40
CA VAL B 151 -12.37 -1.10 13.35
C VAL B 151 -11.56 0.15 13.59
N LYS B 152 -11.71 0.75 14.77
CA LYS B 152 -11.33 2.10 14.98
C LYS B 152 -10.32 2.36 16.12
N GLY B 153 -9.36 3.25 15.87
CA GLY B 153 -8.47 3.73 16.90
C GLY B 153 -7.42 2.84 17.47
N TYR B 154 -6.79 2.01 16.66
CA TYR B 154 -5.82 1.06 17.11
C TYR B 154 -4.41 1.44 16.68
N PHE B 155 -3.44 0.81 17.31
CA PHE B 155 -1.98 1.00 16.97
C PHE B 155 -1.24 -0.21 17.48
N PRO B 156 -0.25 -0.72 16.71
CA PRO B 156 0.16 -0.26 15.40
C PRO B 156 -0.69 -0.93 14.32
N GLU B 157 -0.37 -0.66 13.06
CA GLU B 157 -1.28 -0.84 11.94
C GLU B 157 -1.12 -2.19 11.51
N SER B 158 -1.87 -3.10 12.08
N SER B 158 -1.88 -3.11 12.10
CA SER B 158 -1.66 -4.49 11.81
CA SER B 158 -1.72 -4.54 11.88
C SER B 158 -2.94 -5.34 12.29
C SER B 158 -2.97 -5.35 12.31
N VAL B 159 -4.16 -4.98 11.89
CA VAL B 159 -5.39 -5.79 12.11
C VAL B 159 -5.64 -6.71 10.92
N THR B 160 -6.22 -7.82 11.21
CA THR B 160 -6.76 -8.76 10.17
C THR B 160 -8.19 -8.97 10.51
N VAL B 161 -9.00 -9.02 9.47
CA VAL B 161 -10.44 -9.18 9.55
C VAL B 161 -10.85 -10.26 8.66
N THR B 162 -11.53 -11.26 9.22
CA THR B 162 -12.02 -12.35 8.33
C THR B 162 -13.46 -12.56 8.65
N TRP B 163 -14.19 -13.15 7.71
CA TRP B 163 -15.59 -13.33 7.83
C TRP B 163 -15.93 -14.85 7.83
N ASN B 164 -16.76 -15.26 8.77
CA ASN B 164 -16.97 -16.72 9.12
C ASN B 164 -15.68 -17.64 8.98
N SER B 165 -14.57 -17.12 9.58
CA SER B 165 -13.23 -17.83 9.61
C SER B 165 -12.56 -18.15 8.19
N GLY B 166 -12.77 -17.23 7.22
CA GLY B 166 -12.26 -17.34 5.88
C GLY B 166 -13.33 -17.96 4.95
N SER B 167 -14.44 -18.45 5.50
CA SER B 167 -15.44 -19.14 4.69
C SER B 167 -16.00 -18.26 3.53
N LEU B 168 -16.25 -16.99 3.87
CA LEU B 168 -16.88 -15.96 2.97
C LEU B 168 -15.93 -15.14 2.09
N SER B 169 -14.62 -15.23 2.36
CA SER B 169 -13.61 -14.98 1.28
C SER B 169 -13.99 -14.18 0.01
N SER B 170 -14.78 -14.73 -0.91
CA SER B 170 -14.78 -14.13 -2.29
C SER B 170 -15.65 -12.85 -2.45
N SER B 171 -16.55 -12.49 -1.50
CA SER B 171 -17.34 -11.24 -1.64
C SER B 171 -17.04 -10.26 -0.47
N VAL B 172 -15.80 -10.39 0.00
CA VAL B 172 -15.31 -9.53 1.07
C VAL B 172 -14.51 -8.40 0.49
N HIS B 173 -14.60 -7.20 1.03
CA HIS B 173 -13.67 -6.08 0.73
C HIS B 173 -12.98 -5.65 2.02
N THR B 174 -11.67 -5.53 1.98
CA THR B 174 -10.93 -5.03 3.11
C THR B 174 -10.39 -3.69 2.82
N PHE B 175 -10.82 -2.66 3.53
CA PHE B 175 -10.38 -1.35 3.20
C PHE B 175 -9.09 -0.95 3.91
N PRO B 176 -8.13 -0.46 3.14
CA PRO B 176 -6.84 -0.08 3.76
C PRO B 176 -6.99 0.83 4.92
N ALA B 177 -6.16 0.65 5.94
CA ALA B 177 -6.24 1.48 7.11
C ALA B 177 -5.78 2.89 6.78
N LEU B 178 -6.37 3.86 7.52
CA LEU B 178 -6.06 5.31 7.45
C LEU B 178 -5.48 5.71 8.79
N LEU B 179 -4.52 6.63 8.79
CA LEU B 179 -4.02 7.17 10.03
C LEU B 179 -4.74 8.42 10.31
N GLN B 180 -5.30 8.58 11.50
CA GLN B 180 -5.94 9.85 11.93
C GLN B 180 -5.69 10.00 13.40
N SER B 181 -5.17 11.14 13.73
CA SER B 181 -4.82 11.46 15.13
C SER B 181 -3.83 10.44 15.74
N GLY B 182 -2.86 9.97 14.94
CA GLY B 182 -1.86 9.08 15.46
C GLY B 182 -2.30 7.64 15.57
N LEU B 183 -3.55 7.31 15.25
CA LEU B 183 -4.08 5.94 15.38
C LEU B 183 -4.70 5.54 14.08
N TYR B 184 -4.90 4.24 13.90
CA TYR B 184 -5.42 3.72 12.66
C TYR B 184 -6.87 3.38 12.76
N THR B 185 -7.52 3.38 11.60
CA THR B 185 -8.93 3.01 11.40
C THR B 185 -9.04 2.27 10.10
N MET B 186 -9.76 1.16 10.11
CA MET B 186 -10.04 0.41 8.89
C MET B 186 -11.49 -0.09 8.90
N SER B 187 -11.97 -0.60 7.77
CA SER B 187 -13.22 -1.28 7.78
C SER B 187 -13.17 -2.46 6.81
N SER B 188 -14.23 -3.30 6.90
CA SER B 188 -14.36 -4.46 6.03
C SER B 188 -15.83 -4.70 5.74
N SER B 189 -16.15 -5.10 4.50
CA SER B 189 -17.51 -5.53 4.13
C SER B 189 -17.61 -6.88 3.58
N VAL B 190 -18.83 -7.47 3.66
CA VAL B 190 -19.14 -8.72 3.05
C VAL B 190 -20.53 -8.60 2.47
N THR B 191 -20.71 -9.29 1.37
CA THR B 191 -22.04 -9.36 0.73
C THR B 191 -22.45 -10.85 0.67
N VAL B 192 -23.65 -11.12 1.14
CA VAL B 192 -24.20 -12.52 1.10
C VAL B 192 -25.62 -12.48 0.57
N PRO B 193 -26.12 -13.63 0.16
CA PRO B 193 -27.54 -13.62 -0.25
C PRO B 193 -28.51 -13.24 0.93
N SER B 194 -29.59 -12.48 0.63
CA SER B 194 -30.68 -12.14 1.59
C SER B 194 -31.39 -13.35 2.25
N SER B 195 -31.34 -14.47 1.54
CA SER B 195 -31.83 -15.74 2.02
C SER B 195 -30.93 -16.34 3.11
N THR B 196 -29.64 -15.98 3.16
CA THR B 196 -28.72 -16.53 4.17
C THR B 196 -28.55 -15.64 5.40
N TRP B 197 -29.07 -14.39 5.40
CA TRP B 197 -28.97 -13.49 6.55
C TRP B 197 -30.22 -12.61 6.68
N PRO B 198 -30.86 -12.54 7.86
CA PRO B 198 -30.35 -13.12 9.18
C PRO B 198 -30.31 -14.65 9.43
N SER B 199 -30.69 -15.48 8.47
CA SER B 199 -30.98 -16.91 8.70
C SER B 199 -29.82 -17.71 9.20
N GLN B 200 -28.67 -17.53 8.57
CA GLN B 200 -27.42 -18.17 9.02
C GLN B 200 -26.52 -17.04 9.48
N THR B 201 -25.67 -17.38 10.43
CA THR B 201 -24.93 -16.38 11.16
C THR B 201 -23.76 -15.88 10.36
N VAL B 202 -23.53 -14.59 10.49
CA VAL B 202 -22.35 -13.92 9.89
C VAL B 202 -21.57 -13.27 11.00
N THR B 203 -20.26 -13.58 11.05
CA THR B 203 -19.35 -13.11 12.12
C THR B 203 -18.14 -12.48 11.51
N CYS B 204 -17.71 -11.31 11.98
CA CYS B 204 -16.39 -10.76 11.52
C CYS B 204 -15.44 -10.98 12.64
N SER B 205 -14.31 -11.69 12.38
CA SER B 205 -13.32 -11.93 13.40
C SER B 205 -12.20 -10.95 13.17
N VAL B 206 -11.94 -10.13 14.17
CA VAL B 206 -10.93 -9.08 14.11
C VAL B 206 -9.82 -9.40 15.08
N ALA B 207 -8.64 -9.50 14.58
CA ALA B 207 -7.49 -9.81 15.32
C ALA B 207 -6.48 -8.70 15.27
N HIS B 208 -5.91 -8.33 16.41
CA HIS B 208 -4.83 -7.33 16.48
C HIS B 208 -3.75 -7.87 17.40
N PRO B 209 -2.77 -8.59 16.85
CA PRO B 209 -1.77 -9.23 17.70
C PRO B 209 -1.11 -8.37 18.73
N ALA B 210 -0.77 -7.12 18.39
CA ALA B 210 0.00 -6.37 19.33
C ALA B 210 -0.72 -6.16 20.68
N SER B 211 -2.05 -5.98 20.65
CA SER B 211 -2.77 -5.78 21.86
C SER B 211 -3.38 -7.11 22.39
N SER B 212 -3.07 -8.26 21.73
CA SER B 212 -3.59 -9.57 22.16
C SER B 212 -5.11 -9.59 22.04
N THR B 213 -5.67 -8.88 21.06
CA THR B 213 -7.18 -8.64 20.98
C THR B 213 -7.67 -9.51 19.82
N THR B 214 -8.74 -10.29 20.11
CA THR B 214 -9.51 -11.03 19.11
C THR B 214 -10.91 -10.78 19.46
N VAL B 215 -11.66 -10.20 18.56
CA VAL B 215 -13.09 -9.99 18.74
C VAL B 215 -13.79 -10.79 17.65
N ASP B 216 -14.70 -11.68 18.00
CA ASP B 216 -15.50 -12.36 16.98
C ASP B 216 -16.88 -11.74 17.13
N LYS B 217 -17.19 -10.79 16.25
CA LYS B 217 -18.42 -10.00 16.34
C LYS B 217 -19.56 -10.56 15.43
N LYS B 218 -20.64 -11.01 16.04
CA LYS B 218 -21.81 -11.49 15.24
C LYS B 218 -22.62 -10.33 14.72
N LEU B 219 -23.02 -10.38 13.44
CA LEU B 219 -23.87 -9.34 12.89
C LEU B 219 -25.33 -9.65 13.12
N GLU B 220 -26.10 -8.64 13.52
CA GLU B 220 -27.51 -8.79 13.90
C GLU B 220 -28.38 -7.68 13.30
C1 GOL C . -12.83 3.04 7.47
O1 GOL C . -12.38 2.37 6.28
C2 GOL C . -12.74 4.50 7.44
O2 GOL C . -13.50 4.96 8.62
C3 GOL C . -13.22 4.91 6.05
O3 GOL C . -14.61 4.70 5.85
C1 GOL D . 6.78 -14.88 -21.38
O1 GOL D . 5.91 -14.87 -22.48
C2 GOL D . 5.95 -14.93 -20.16
O2 GOL D . 5.24 -16.22 -20.25
C3 GOL D . 6.64 -14.94 -18.82
O3 GOL D . 5.90 -13.90 -18.04
C1 GOL E . 1.37 -3.29 -1.83
O1 GOL E . 1.74 -3.93 -0.65
C2 GOL E . -0.08 -3.02 -1.88
O2 GOL E . -0.40 -2.70 -0.50
C3 GOL E . -0.53 -1.93 -2.90
O3 GOL E . 0.19 -1.64 -4.07
C1 GOL F . 40.21 -2.88 2.95
O1 GOL F . 39.29 -4.01 2.76
C2 GOL F . 39.64 -1.66 2.41
O2 GOL F . 38.34 -1.33 2.99
C3 GOL F . 40.64 -0.55 2.56
O3 GOL F . 40.27 0.61 1.84
C1 GOL G . 21.81 -9.53 -12.64
O1 GOL G . 21.74 -10.68 -11.78
C2 GOL G . 21.05 -9.84 -13.90
O2 GOL G . 19.64 -9.73 -13.58
C3 GOL G . 21.50 -8.81 -14.95
O3 GOL G . 21.07 -9.33 -16.19
C1 GOL H . 27.36 3.87 -9.21
O1 GOL H . 27.45 4.88 -10.23
C2 GOL H . 27.86 2.61 -9.88
O2 GOL H . 29.09 2.76 -10.58
C3 GOL H . 28.23 1.47 -8.90
O3 GOL H . 27.16 1.31 -7.96
S SO4 I . 7.53 -7.65 8.78
O1 SO4 I . 8.74 -8.49 8.42
O2 SO4 I . 7.96 -6.68 9.81
O3 SO4 I . 6.55 -8.62 9.30
O4 SO4 I . 7.09 -6.97 7.54
#